data_5ZWP
#
_entry.id   5ZWP
#
_cell.length_a   51.260
_cell.length_b   90.909
_cell.length_c   51.418
_cell.angle_alpha   90.00
_cell.angle_beta   107.56
_cell.angle_gamma   90.00
#
_symmetry.space_group_name_H-M   'P 1 21 1'
#
loop_
_entity.id
_entity.type
_entity.pdbx_description
1 polymer 'Glutathione S-transferase 1'
2 non-polymer GLUTATHIONE
3 non-polymer 'FORMIC ACID'
4 water water
#
_entity_poly.entity_id   1
_entity_poly.type   'polypeptide(L)'
_entity_poly.pdbx_seq_one_letter_code
;MDFYYLPGSAPCRSVLMTAKALGIELNKKLLNLQAGEHLKPEFLKINPQHTIPTLVDGDFALWESRAIMVYLVEKYGKTD
SLFPKCPKKRAVINQRLYFDMGTLYKSFADYYYPQIFAKAPADPELFKKIETAFDFLNTFLKGHEYAAGDSLTVADLALL
ASVSTFEVASFDISKYPNVAKWYANLKTVAPGWEENWAGCLEFKKYFG
;
_entity_poly.pdbx_strand_id   A,B
#
# COMPACT_ATOMS: atom_id res chain seq x y z
N MET A 1 2.39 -8.65 -23.28
CA MET A 1 2.92 -8.46 -21.88
C MET A 1 2.69 -9.77 -21.14
N ASP A 2 3.74 -10.27 -20.46
CA ASP A 2 3.60 -11.47 -19.73
C ASP A 2 2.98 -11.13 -18.37
N PHE A 3 2.20 -12.07 -17.86
CA PHE A 3 1.53 -11.86 -16.58
C PHE A 3 1.58 -13.15 -15.78
N TYR A 4 2.43 -13.13 -14.75
CA TYR A 4 2.63 -14.30 -13.91
C TYR A 4 1.60 -14.27 -12.80
N TYR A 5 0.87 -15.36 -12.61
CA TYR A 5 -0.38 -15.30 -11.82
C TYR A 5 -0.81 -16.68 -11.36
N LEU A 6 -1.82 -16.66 -10.50
CA LEU A 6 -2.71 -17.79 -10.23
C LEU A 6 -4.13 -17.25 -10.27
N PRO A 7 -5.09 -18.00 -10.86
CA PRO A 7 -6.43 -17.49 -11.10
C PRO A 7 -7.19 -17.17 -9.82
N GLY A 8 -6.96 -17.89 -8.73
CA GLY A 8 -7.69 -17.61 -7.50
C GLY A 8 -7.25 -16.35 -6.77
N SER A 9 -6.04 -15.87 -7.11
CA SER A 9 -5.38 -14.81 -6.29
C SER A 9 -6.02 -13.43 -6.53
N ALA A 10 -6.52 -12.81 -5.46
CA ALA A 10 -7.19 -11.50 -5.55
C ALA A 10 -6.32 -10.45 -6.22
N PRO A 11 -5.07 -10.26 -5.80
CA PRO A 11 -4.26 -9.25 -6.46
C PRO A 11 -4.05 -9.52 -7.94
N CYS A 12 -3.98 -10.80 -8.35
CA CYS A 12 -3.90 -11.12 -9.76
C CYS A 12 -5.22 -10.76 -10.46
N ARG A 13 -6.36 -11.08 -9.84
CA ARG A 13 -7.65 -10.78 -10.44
C ARG A 13 -7.87 -9.26 -10.61
N SER A 14 -7.40 -8.43 -9.69
CA SER A 14 -7.61 -6.98 -9.81
C SER A 14 -6.93 -6.50 -11.11
N VAL A 15 -5.73 -7.03 -11.38
CA VAL A 15 -5.02 -6.65 -12.63
C VAL A 15 -5.79 -7.15 -13.86
N LEU A 16 -6.28 -8.38 -13.83
CA LEU A 16 -6.99 -8.94 -14.99
C LEU A 16 -8.24 -8.13 -15.30
N MET A 17 -8.94 -7.64 -14.28
CA MET A 17 -10.11 -6.82 -14.56
C MET A 17 -9.68 -5.46 -15.15
N THR A 18 -8.59 -4.90 -14.67
CA THR A 18 -8.08 -3.64 -15.23
C THR A 18 -7.71 -3.82 -16.72
N ALA A 19 -7.00 -4.91 -17.01
CA ALA A 19 -6.64 -5.22 -18.41
C ALA A 19 -7.92 -5.32 -19.27
N LYS A 20 -8.93 -6.04 -18.79
CA LYS A 20 -10.15 -6.13 -19.59
C LYS A 20 -10.75 -4.71 -19.79
N ALA A 21 -10.78 -3.91 -18.72
CA ALA A 21 -11.33 -2.55 -18.81
C ALA A 21 -10.57 -1.70 -19.82
N LEU A 22 -9.29 -2.01 -20.09
CA LEU A 22 -8.49 -1.29 -21.05
C LEU A 22 -8.50 -1.98 -22.41
N GLY A 23 -9.17 -3.11 -22.58
CA GLY A 23 -9.12 -3.84 -23.85
C GLY A 23 -7.79 -4.48 -24.11
N ILE A 24 -7.03 -4.81 -23.06
CA ILE A 24 -5.68 -5.46 -23.18
C ILE A 24 -5.81 -6.95 -22.85
N GLU A 25 -5.27 -7.82 -23.73
CA GLU A 25 -5.17 -9.26 -23.48
C GLU A 25 -3.74 -9.58 -23.01
N LEU A 26 -3.63 -9.88 -21.72
CA LEU A 26 -2.32 -10.25 -21.16
C LEU A 26 -1.97 -11.69 -21.57
N ASN A 27 -0.67 -11.98 -21.65
CA ASN A 27 -0.20 -13.36 -21.85
C ASN A 27 -0.10 -14.01 -20.48
N LYS A 28 -1.16 -14.68 -20.05
CA LYS A 28 -1.31 -15.26 -18.73
C LYS A 28 -0.37 -16.45 -18.59
N LYS A 29 0.55 -16.39 -17.63
CA LYS A 29 1.52 -17.47 -17.35
C LYS A 29 1.29 -17.95 -15.91
N LEU A 30 0.74 -19.14 -15.70
CA LEU A 30 0.56 -19.72 -14.39
C LEU A 30 1.96 -19.86 -13.80
N LEU A 31 2.07 -19.53 -12.53
CA LEU A 31 3.30 -19.71 -11.81
C LEU A 31 2.99 -20.59 -10.61
N ASN A 32 3.60 -21.76 -10.57
CA ASN A 32 3.25 -22.74 -9.60
C ASN A 32 4.07 -22.47 -8.33
N LEU A 33 3.42 -21.78 -7.39
CA LEU A 33 4.09 -21.41 -6.12
C LEU A 33 4.31 -22.66 -5.28
N GLN A 34 3.34 -23.56 -5.32
CA GLN A 34 3.47 -24.75 -4.50
C GLN A 34 4.72 -25.53 -4.87
N ALA A 35 5.07 -25.55 -6.15
CA ALA A 35 6.25 -26.22 -6.63
C ALA A 35 7.51 -25.35 -6.54
N GLY A 36 7.37 -24.12 -6.03
CA GLY A 36 8.52 -23.23 -5.87
C GLY A 36 9.05 -22.62 -7.14
N GLU A 37 8.22 -22.51 -8.18
CA GLU A 37 8.69 -21.94 -9.43
C GLU A 37 9.16 -20.50 -9.28
N HIS A 38 8.52 -19.77 -8.34
CA HIS A 38 8.81 -18.39 -8.11
C HIS A 38 10.14 -18.18 -7.36
N LEU A 39 10.77 -19.24 -6.85
CA LEU A 39 11.91 -19.11 -6.02
C LEU A 39 13.18 -19.52 -6.76
N LYS A 40 13.03 -19.86 -8.03
CA LYS A 40 14.17 -20.27 -8.87
C LYS A 40 14.82 -19.06 -9.53
N PRO A 41 16.10 -19.15 -9.96
CA PRO A 41 16.80 -17.98 -10.48
C PRO A 41 16.10 -17.30 -11.64
N GLU A 42 15.44 -18.04 -12.52
CA GLU A 42 14.84 -17.36 -13.65
C GLU A 42 13.73 -16.42 -13.20
N PHE A 43 12.95 -16.79 -12.19
CA PHE A 43 11.89 -15.86 -11.75
C PHE A 43 12.49 -14.77 -10.86
N LEU A 44 13.49 -15.06 -10.03
CA LEU A 44 14.10 -14.07 -9.16
C LEU A 44 14.73 -12.97 -9.98
N LYS A 45 15.20 -13.27 -11.20
CA LYS A 45 15.84 -12.28 -12.08
C LYS A 45 14.75 -11.29 -12.54
N ILE A 46 13.50 -11.74 -12.70
CA ILE A 46 12.37 -10.86 -13.10
C ILE A 46 11.88 -10.10 -11.89
N ASN A 47 11.63 -10.78 -10.80
CA ASN A 47 11.04 -10.16 -9.60
C ASN A 47 11.79 -10.74 -8.41
N PRO A 48 12.78 -10.02 -7.84
CA PRO A 48 13.54 -10.55 -6.72
C PRO A 48 12.71 -10.75 -5.45
N GLN A 49 11.53 -10.11 -5.39
CA GLN A 49 10.64 -10.33 -4.24
C GLN A 49 9.76 -11.60 -4.38
N HIS A 50 9.84 -12.24 -5.55
CA HIS A 50 9.18 -13.53 -5.80
C HIS A 50 7.70 -13.56 -5.40
N THR A 51 6.94 -12.58 -5.94
CA THR A 51 5.51 -12.48 -5.73
C THR A 51 4.75 -12.47 -7.07
N ILE A 52 3.52 -12.89 -6.98
CA ILE A 52 2.53 -12.70 -8.03
C ILE A 52 1.46 -11.75 -7.49
N PRO A 53 0.89 -10.92 -8.38
CA PRO A 53 1.17 -10.83 -9.80
C PRO A 53 2.50 -10.15 -10.14
N THR A 54 3.08 -10.55 -11.27
CA THR A 54 4.18 -9.88 -11.88
C THR A 54 3.88 -9.66 -13.36
N LEU A 55 4.12 -8.43 -13.82
CA LEU A 55 3.96 -8.05 -15.25
C LEU A 55 5.33 -7.85 -15.86
N VAL A 56 5.52 -8.36 -17.07
CA VAL A 56 6.68 -8.05 -17.86
C VAL A 56 6.21 -7.45 -19.17
N ASP A 57 6.56 -6.18 -19.35
CA ASP A 57 6.19 -5.40 -20.53
C ASP A 57 7.48 -5.08 -21.26
N GLY A 58 7.75 -5.88 -22.29
CA GLY A 58 9.01 -5.80 -22.96
C GLY A 58 10.14 -6.17 -22.02
N ASP A 59 11.03 -5.26 -21.71
CA ASP A 59 12.08 -5.66 -20.73
C ASP A 59 11.83 -5.00 -19.38
N PHE A 60 10.65 -4.43 -19.21
CA PHE A 60 10.28 -3.77 -17.95
C PHE A 60 9.50 -4.78 -17.10
N ALA A 61 10.02 -5.11 -15.93
CA ALA A 61 9.32 -5.98 -14.96
C ALA A 61 8.73 -5.13 -13.84
N LEU A 62 7.54 -5.51 -13.41
CA LEU A 62 6.81 -4.76 -12.37
C LEU A 62 6.02 -5.74 -11.53
N TRP A 63 5.95 -5.49 -10.22
CA TRP A 63 5.10 -6.24 -9.34
C TRP A 63 4.44 -5.22 -8.37
N GLU A 64 3.65 -5.77 -7.45
CA GLU A 64 2.63 -5.10 -6.64
C GLU A 64 1.40 -4.80 -7.51
N SER A 65 0.35 -5.55 -7.26
CA SER A 65 -0.84 -5.48 -8.10
C SER A 65 -1.30 -4.04 -8.36
N ARG A 66 -1.31 -3.20 -7.33
CA ARG A 66 -1.96 -1.90 -7.49
C ARG A 66 -1.03 -0.97 -8.28
N ALA A 67 0.30 -1.19 -8.19
CA ALA A 67 1.19 -0.51 -9.08
C ALA A 67 0.99 -0.94 -10.53
N ILE A 68 0.82 -2.22 -10.73
CA ILE A 68 0.59 -2.76 -12.10
C ILE A 68 -0.73 -2.18 -12.66
N MET A 69 -1.80 -2.12 -11.87
CA MET A 69 -3.07 -1.62 -12.37
C MET A 69 -2.88 -0.18 -12.82
N VAL A 70 -2.22 0.64 -11.99
CA VAL A 70 -2.05 2.05 -12.36
C VAL A 70 -1.14 2.21 -13.58
N TYR A 71 -0.06 1.42 -13.64
CA TYR A 71 0.83 1.46 -14.80
C TYR A 71 0.03 1.21 -16.09
N LEU A 72 -0.76 0.14 -16.08
CA LEU A 72 -1.54 -0.18 -17.29
C LEU A 72 -2.41 1.01 -17.72
N VAL A 73 -3.08 1.64 -16.76
CA VAL A 73 -3.94 2.76 -17.08
C VAL A 73 -3.11 3.96 -17.60
N GLU A 74 -2.05 4.32 -16.86
CA GLU A 74 -1.27 5.49 -17.21
C GLU A 74 -0.57 5.31 -18.54
N LYS A 75 -0.06 4.11 -18.80
CA LYS A 75 0.66 3.90 -20.06
C LYS A 75 -0.29 3.68 -21.24
N TYR A 76 -1.33 2.86 -21.05
CA TYR A 76 -2.14 2.34 -22.15
C TYR A 76 -3.55 2.90 -22.21
N GLY A 77 -4.07 3.55 -21.19
CA GLY A 77 -5.44 4.03 -21.25
C GLY A 77 -5.57 5.13 -22.26
N LYS A 78 -6.70 5.03 -22.99
CA LYS A 78 -7.01 6.05 -24.05
C LYS A 78 -7.51 7.34 -23.44
N THR A 79 -8.09 7.26 -22.26
CA THR A 79 -8.32 8.41 -21.41
C THR A 79 -8.02 7.97 -19.98
N ASP A 80 -8.09 8.94 -19.09
CA ASP A 80 -7.73 8.75 -17.70
C ASP A 80 -8.94 8.30 -16.86
N SER A 81 -10.07 7.86 -17.46
CA SER A 81 -11.25 7.56 -16.69
C SER A 81 -10.99 6.62 -15.50
N LEU A 82 -10.17 5.59 -15.70
CA LEU A 82 -9.93 4.60 -14.62
C LEU A 82 -8.94 5.12 -13.58
N PHE A 83 -8.25 6.23 -13.84
CA PHE A 83 -7.26 6.77 -12.93
C PHE A 83 -7.11 8.24 -13.28
N PRO A 84 -8.08 9.09 -12.89
CA PRO A 84 -8.11 10.47 -13.38
C PRO A 84 -6.86 11.25 -12.98
N LYS A 85 -6.42 12.15 -13.86
CA LYS A 85 -5.24 12.97 -13.61
C LYS A 85 -5.45 14.01 -12.50
N CYS A 86 -6.63 14.56 -12.29
CA CYS A 86 -6.93 15.57 -11.26
C CYS A 86 -6.30 15.12 -9.95
N PRO A 87 -5.34 15.85 -9.33
CA PRO A 87 -4.66 15.34 -8.14
C PRO A 87 -5.61 14.91 -7.02
N LYS A 88 -6.66 15.65 -6.74
CA LYS A 88 -7.55 15.28 -5.64
C LYS A 88 -8.31 14.01 -5.96
N LYS A 89 -8.77 13.81 -7.21
CA LYS A 89 -9.46 12.56 -7.53
C LYS A 89 -8.50 11.38 -7.42
N ARG A 90 -7.29 11.52 -7.94
CA ARG A 90 -6.28 10.52 -7.92
C ARG A 90 -5.91 10.16 -6.46
N ALA A 91 -5.85 11.17 -5.61
CA ALA A 91 -5.43 11.00 -4.21
C ALA A 91 -6.45 10.15 -3.44
N VAL A 92 -7.74 10.39 -3.66
CA VAL A 92 -8.78 9.54 -3.02
C VAL A 92 -8.59 8.11 -3.51
N ILE A 93 -8.38 7.93 -4.81
CA ILE A 93 -8.13 6.56 -5.35
C ILE A 93 -6.91 5.95 -4.68
N ASN A 94 -5.80 6.69 -4.59
CA ASN A 94 -4.63 6.14 -4.00
C ASN A 94 -4.90 5.74 -2.55
N GLN A 95 -5.60 6.57 -1.78
CA GLN A 95 -5.91 6.23 -0.38
C GLN A 95 -6.72 4.93 -0.34
N ARG A 96 -7.74 4.81 -1.24
CA ARG A 96 -8.48 3.55 -1.32
C ARG A 96 -7.58 2.36 -1.69
N LEU A 97 -6.58 2.56 -2.55
CA LEU A 97 -5.72 1.43 -2.89
C LEU A 97 -4.89 1.00 -1.70
N TYR A 98 -4.31 1.94 -0.93
CA TYR A 98 -3.58 1.58 0.27
C TYR A 98 -4.53 0.98 1.30
N PHE A 99 -5.78 1.46 1.35
CA PHE A 99 -6.79 0.84 2.25
C PHE A 99 -6.99 -0.63 1.86
N ASP A 100 -7.17 -0.86 0.55
CA ASP A 100 -7.44 -2.21 0.09
C ASP A 100 -6.30 -3.12 0.50
N MET A 101 -5.05 -2.69 0.35
CA MET A 101 -3.93 -3.55 0.65
C MET A 101 -3.75 -3.70 2.20
N GLY A 102 -3.70 -2.57 2.92
CA GLY A 102 -3.23 -2.56 4.30
C GLY A 102 -4.31 -2.62 5.34
N THR A 103 -5.58 -2.55 4.92
CA THR A 103 -6.71 -2.64 5.85
C THR A 103 -7.63 -3.78 5.42
N LEU A 104 -8.24 -3.69 4.24
CA LEU A 104 -9.25 -4.67 3.83
C LEU A 104 -8.67 -6.04 3.51
N TYR A 105 -7.80 -6.15 2.53
CA TYR A 105 -7.30 -7.45 2.21
C TYR A 105 -6.36 -7.94 3.30
N LYS A 106 -5.63 -7.07 4.00
CA LYS A 106 -4.86 -7.50 5.16
C LYS A 106 -5.75 -8.25 6.17
N SER A 107 -6.97 -7.75 6.39
CA SER A 107 -7.89 -8.39 7.36
C SER A 107 -8.26 -9.80 6.86
N PHE A 108 -8.40 -9.98 5.55
CA PHE A 108 -8.73 -11.23 4.94
C PHE A 108 -7.59 -12.21 5.19
N ALA A 109 -6.37 -11.82 4.80
CA ALA A 109 -5.22 -12.72 4.91
C ALA A 109 -5.01 -13.12 6.38
N ASP A 110 -5.09 -12.17 7.28
CA ASP A 110 -4.77 -12.40 8.68
C ASP A 110 -5.76 -13.36 9.30
N TYR A 111 -7.04 -13.27 8.92
CA TYR A 111 -8.06 -14.12 9.56
C TYR A 111 -8.20 -15.46 8.85
N TYR A 112 -8.23 -15.50 7.52
CA TYR A 112 -8.54 -16.75 6.77
C TYR A 112 -7.29 -17.58 6.48
N TYR A 113 -6.18 -16.95 6.10
CA TYR A 113 -5.03 -17.74 5.63
C TYR A 113 -4.57 -18.76 6.67
N PRO A 114 -4.49 -18.45 7.98
CA PRO A 114 -4.05 -19.48 8.95
C PRO A 114 -4.97 -20.69 8.99
N GLN A 115 -6.27 -20.53 8.67
CA GLN A 115 -7.20 -21.64 8.67
C GLN A 115 -7.04 -22.48 7.39
N ILE A 116 -6.92 -21.84 6.24
CA ILE A 116 -6.95 -22.49 4.94
C ILE A 116 -5.57 -22.94 4.51
N PHE A 117 -4.48 -22.34 5.04
CA PHE A 117 -3.14 -22.70 4.59
C PHE A 117 -2.35 -23.33 5.73
N ALA A 118 -2.64 -23.03 7.00
CA ALA A 118 -1.83 -23.53 8.16
C ALA A 118 -2.62 -24.46 9.10
N LYS A 119 -3.88 -24.74 8.79
CA LYS A 119 -4.75 -25.59 9.67
C LYS A 119 -4.80 -25.08 11.12
N ALA A 120 -4.76 -23.76 11.33
CA ALA A 120 -4.84 -23.20 12.67
C ALA A 120 -6.28 -22.83 12.98
N PRO A 121 -6.71 -22.89 14.24
CA PRO A 121 -8.05 -22.43 14.59
C PRO A 121 -8.22 -20.95 14.25
N ALA A 122 -9.45 -20.60 13.89
CA ALA A 122 -9.78 -19.21 13.69
C ALA A 122 -9.61 -18.44 14.99
N ASP A 123 -9.28 -17.17 14.80
CA ASP A 123 -9.11 -16.24 15.88
C ASP A 123 -10.24 -15.23 15.82
N PRO A 124 -11.22 -15.27 16.76
CA PRO A 124 -12.32 -14.31 16.68
C PRO A 124 -11.88 -12.85 16.79
N GLU A 125 -10.76 -12.60 17.46
CA GLU A 125 -10.29 -11.22 17.54
C GLU A 125 -9.84 -10.72 16.17
N LEU A 126 -9.30 -11.57 15.30
CA LEU A 126 -8.93 -11.16 13.94
C LEU A 126 -10.19 -10.98 13.07
N PHE A 127 -11.28 -11.70 13.36
CA PHE A 127 -12.52 -11.44 12.63
C PHE A 127 -13.00 -9.99 12.84
N LYS A 128 -12.82 -9.45 14.05
CA LYS A 128 -13.29 -8.12 14.34
C LYS A 128 -12.58 -7.12 13.43
N LYS A 129 -11.36 -7.41 13.02
CA LYS A 129 -10.64 -6.47 12.13
C LYS A 129 -11.30 -6.46 10.76
N ILE A 130 -11.84 -7.59 10.29
CA ILE A 130 -12.61 -7.61 9.04
C ILE A 130 -13.87 -6.74 9.14
N GLU A 131 -14.59 -6.89 10.25
CA GLU A 131 -15.78 -6.11 10.49
C GLU A 131 -15.46 -4.61 10.46
N THR A 132 -14.39 -4.23 11.15
CA THR A 132 -13.92 -2.85 11.17
C THR A 132 -13.65 -2.36 9.74
N ALA A 133 -12.92 -3.14 8.94
CA ALA A 133 -12.57 -2.78 7.56
C ALA A 133 -13.85 -2.60 6.71
N PHE A 134 -14.82 -3.51 6.86
CA PHE A 134 -16.05 -3.36 6.10
C PHE A 134 -16.84 -2.13 6.53
N ASP A 135 -16.79 -1.83 7.82
CA ASP A 135 -17.48 -0.63 8.30
C ASP A 135 -16.89 0.61 7.64
N PHE A 136 -15.54 0.67 7.59
CA PHE A 136 -14.87 1.80 6.90
C PHE A 136 -15.31 1.89 5.45
N LEU A 137 -15.28 0.78 4.74
CA LEU A 137 -15.67 0.78 3.34
C LEU A 137 -17.12 1.24 3.16
N ASN A 138 -17.97 0.76 4.08
CA ASN A 138 -19.39 1.17 4.08
C ASN A 138 -19.51 2.71 4.24
N THR A 139 -18.73 3.28 5.14
CA THR A 139 -18.68 4.73 5.30
C THR A 139 -18.12 5.43 4.06
N PHE A 140 -17.04 4.90 3.46
CA PHE A 140 -16.43 5.54 2.28
C PHE A 140 -17.46 5.63 1.12
N LEU A 141 -18.38 4.67 1.06
CA LEU A 141 -19.37 4.58 -0.02
C LEU A 141 -20.57 5.49 0.24
N LYS A 142 -20.70 6.12 1.40
CA LYS A 142 -21.86 7.03 1.63
C LYS A 142 -21.83 8.16 0.60
N GLY A 143 -22.93 8.38 -0.12
CA GLY A 143 -23.02 9.53 -1.00
C GLY A 143 -22.48 9.32 -2.41
N HIS A 144 -21.92 8.14 -2.73
CA HIS A 144 -21.38 7.91 -4.08
C HIS A 144 -21.64 6.47 -4.50
N GLU A 145 -21.64 6.24 -5.80
CA GLU A 145 -21.91 4.94 -6.32
C GLU A 145 -20.63 4.09 -6.33
N TYR A 146 -19.46 4.74 -6.48
CA TYR A 146 -18.15 4.05 -6.59
C TYR A 146 -17.28 4.41 -5.40
N ALA A 147 -16.20 3.66 -5.27
CA ALA A 147 -15.42 3.66 -4.03
C ALA A 147 -14.72 4.98 -3.78
N ALA A 148 -14.29 5.67 -4.83
CA ALA A 148 -13.53 6.91 -4.69
C ALA A 148 -14.19 8.06 -5.44
N GLY A 149 -15.49 7.94 -5.75
CA GLY A 149 -16.17 9.01 -6.49
C GLY A 149 -17.30 8.49 -7.34
N ASP A 150 -17.53 9.11 -8.49
CA ASP A 150 -18.78 8.89 -9.21
C ASP A 150 -18.62 8.07 -10.48
N SER A 151 -17.45 7.49 -10.69
CA SER A 151 -17.21 6.67 -11.85
C SER A 151 -16.32 5.49 -11.45
N LEU A 152 -16.31 4.48 -12.30
CA LEU A 152 -15.52 3.27 -12.07
C LEU A 152 -14.05 3.57 -12.21
N THR A 153 -13.26 3.21 -11.19
CA THR A 153 -11.81 3.44 -11.23
C THR A 153 -11.09 2.16 -10.80
N VAL A 154 -9.77 2.22 -10.84
CA VAL A 154 -8.96 1.11 -10.32
C VAL A 154 -9.21 0.88 -8.81
N ALA A 155 -9.60 1.90 -8.05
CA ALA A 155 -9.97 1.67 -6.65
C ALA A 155 -11.12 0.65 -6.57
N ASP A 156 -12.14 0.81 -7.43
CA ASP A 156 -13.20 -0.13 -7.46
C ASP A 156 -12.70 -1.52 -7.81
N LEU A 157 -11.85 -1.64 -8.83
CA LEU A 157 -11.44 -2.94 -9.30
C LEU A 157 -10.58 -3.67 -8.26
N ALA A 158 -9.70 -2.98 -7.54
CA ALA A 158 -8.93 -3.57 -6.49
C ALA A 158 -9.84 -4.06 -5.35
N LEU A 159 -10.72 -3.17 -4.91
CA LEU A 159 -11.62 -3.48 -3.81
C LEU A 159 -12.60 -4.59 -4.23
N LEU A 160 -12.94 -4.66 -5.52
CA LEU A 160 -13.89 -5.67 -5.99
C LEU A 160 -13.23 -7.04 -5.95
N ALA A 161 -11.96 -7.12 -6.37
CA ALA A 161 -11.22 -8.39 -6.25
C ALA A 161 -11.21 -8.86 -4.80
N SER A 162 -10.93 -7.96 -3.85
CA SER A 162 -10.95 -8.29 -2.42
C SER A 162 -12.34 -8.70 -1.96
N VAL A 163 -13.37 -7.89 -2.22
CA VAL A 163 -14.69 -8.19 -1.65
C VAL A 163 -15.29 -9.47 -2.25
N SER A 164 -15.02 -9.77 -3.53
CA SER A 164 -15.47 -11.02 -4.11
C SER A 164 -14.79 -12.22 -3.45
N THR A 165 -13.56 -12.06 -2.92
CA THR A 165 -12.92 -13.12 -2.20
C THR A 165 -13.64 -13.32 -0.85
N PHE A 166 -13.99 -12.23 -0.17
CA PHE A 166 -14.83 -12.32 1.03
C PHE A 166 -16.15 -13.02 0.73
N GLU A 167 -16.77 -12.79 -0.44
CA GLU A 167 -18.04 -13.49 -0.71
C GLU A 167 -17.80 -15.00 -0.64
N VAL A 168 -16.82 -15.52 -1.37
CA VAL A 168 -16.62 -16.97 -1.43
C VAL A 168 -16.14 -17.53 -0.10
N ALA A 169 -15.58 -16.68 0.79
CA ALA A 169 -15.20 -17.06 2.14
C ALA A 169 -16.41 -17.10 3.08
N SER A 170 -17.60 -16.75 2.59
CA SER A 170 -18.85 -16.87 3.32
C SER A 170 -19.02 -15.68 4.29
N PHE A 171 -18.34 -14.56 4.03
CA PHE A 171 -18.53 -13.36 4.84
C PHE A 171 -19.87 -12.71 4.47
N ASP A 172 -20.60 -12.24 5.49
CA ASP A 172 -21.94 -11.71 5.29
C ASP A 172 -21.86 -10.24 4.89
N ILE A 173 -21.63 -10.00 3.61
CA ILE A 173 -21.53 -8.66 3.06
C ILE A 173 -22.81 -7.85 3.30
N SER A 174 -23.94 -8.55 3.40
CA SER A 174 -25.25 -7.90 3.56
C SER A 174 -25.34 -7.05 4.82
N LYS A 175 -24.43 -7.22 5.77
CA LYS A 175 -24.43 -6.47 7.02
C LYS A 175 -23.90 -5.04 6.80
N TYR A 176 -23.47 -4.72 5.57
CA TYR A 176 -22.86 -3.44 5.20
C TYR A 176 -23.62 -2.98 3.97
N PRO A 177 -24.78 -2.33 4.13
CA PRO A 177 -25.65 -2.08 2.98
C PRO A 177 -25.02 -1.28 1.82
N ASN A 178 -24.18 -0.28 2.11
CA ASN A 178 -23.57 0.47 1.06
C ASN A 178 -22.63 -0.41 0.26
N VAL A 179 -21.87 -1.27 0.98
CA VAL A 179 -20.99 -2.22 0.34
C VAL A 179 -21.80 -3.18 -0.55
N ALA A 180 -22.89 -3.72 -0.01
CA ALA A 180 -23.70 -4.68 -0.79
C ALA A 180 -24.21 -4.04 -2.08
N LYS A 181 -24.67 -2.78 -1.98
CA LYS A 181 -25.20 -2.10 -3.14
C LYS A 181 -24.09 -1.85 -4.19
N TRP A 182 -22.91 -1.40 -3.72
CA TRP A 182 -21.80 -1.11 -4.59
C TRP A 182 -21.29 -2.38 -5.26
N TYR A 183 -21.28 -3.48 -4.50
CA TYR A 183 -20.77 -4.77 -4.98
C TYR A 183 -21.71 -5.31 -6.09
N ALA A 184 -23.01 -5.28 -5.82
CA ALA A 184 -24.01 -5.78 -6.82
C ALA A 184 -23.94 -4.96 -8.09
N ASN A 185 -23.76 -3.63 -7.99
CA ASN A 185 -23.62 -2.79 -9.14
C ASN A 185 -22.37 -3.21 -9.92
N LEU A 186 -21.21 -3.36 -9.23
CA LEU A 186 -20.02 -3.71 -9.93
C LEU A 186 -20.10 -5.06 -10.65
N LYS A 187 -20.82 -6.06 -10.11
CA LYS A 187 -20.93 -7.30 -10.89
C LYS A 187 -21.58 -7.06 -12.25
N THR A 188 -22.39 -6.01 -12.36
CA THR A 188 -23.06 -5.67 -13.67
C THR A 188 -22.23 -4.73 -14.53
N VAL A 189 -21.34 -3.93 -13.95
CA VAL A 189 -20.65 -2.91 -14.79
C VAL A 189 -19.15 -3.15 -14.92
N ALA A 190 -18.53 -3.87 -14.02
CA ALA A 190 -17.06 -3.99 -14.09
C ALA A 190 -16.65 -4.90 -15.23
N PRO A 191 -15.82 -4.41 -16.13
CA PRO A 191 -15.29 -5.29 -17.15
C PRO A 191 -14.48 -6.45 -16.53
N GLY A 192 -14.64 -7.64 -17.09
CA GLY A 192 -13.90 -8.81 -16.65
C GLY A 192 -14.46 -9.46 -15.38
N TRP A 193 -15.66 -9.05 -14.94
CA TRP A 193 -16.30 -9.65 -13.79
C TRP A 193 -16.35 -11.16 -13.92
N GLU A 194 -16.78 -11.70 -15.08
CA GLU A 194 -16.96 -13.12 -15.15
C GLU A 194 -15.66 -13.89 -14.89
N GLU A 195 -14.54 -13.45 -15.47
CA GLU A 195 -13.27 -14.06 -15.24
C GLU A 195 -12.86 -13.90 -13.76
N ASN A 196 -13.16 -12.74 -13.16
CA ASN A 196 -12.85 -12.58 -11.72
C ASN A 196 -13.63 -13.60 -10.88
N TRP A 197 -14.91 -13.78 -11.21
CA TRP A 197 -15.76 -14.68 -10.42
C TRP A 197 -15.31 -16.14 -10.59
N ALA A 198 -14.97 -16.52 -11.83
CA ALA A 198 -14.43 -17.89 -12.03
C ALA A 198 -13.19 -18.11 -11.18
N GLY A 199 -12.29 -17.12 -11.07
CA GLY A 199 -11.16 -17.20 -10.20
C GLY A 199 -11.53 -17.28 -8.72
N CYS A 200 -12.55 -16.54 -8.31
CA CYS A 200 -13.04 -16.67 -6.94
C CYS A 200 -13.49 -18.09 -6.64
N LEU A 201 -14.19 -18.71 -7.60
CA LEU A 201 -14.64 -20.10 -7.33
C LEU A 201 -13.47 -21.06 -7.24
N GLU A 202 -12.38 -20.80 -7.95
CA GLU A 202 -11.20 -21.56 -7.78
C GLU A 202 -10.60 -21.33 -6.37
N PHE A 203 -10.51 -20.08 -5.90
CA PHE A 203 -10.00 -19.82 -4.56
C PHE A 203 -10.87 -20.52 -3.52
N LYS A 204 -12.17 -20.51 -3.75
CA LYS A 204 -13.16 -21.09 -2.83
C LYS A 204 -12.79 -22.55 -2.44
N LYS A 205 -12.13 -23.27 -3.36
CA LYS A 205 -11.75 -24.66 -3.10
C LYS A 205 -10.92 -24.74 -1.82
N TYR A 206 -10.21 -23.69 -1.44
CA TYR A 206 -9.32 -23.73 -0.25
C TYR A 206 -10.15 -23.87 1.01
N PHE A 207 -11.41 -23.43 0.97
CA PHE A 207 -12.32 -23.50 2.11
C PHE A 207 -12.94 -24.89 2.18
N MET B 1 -2.34 24.37 4.82
CA MET B 1 -2.91 22.97 4.89
C MET B 1 -2.67 22.48 6.31
N ASP B 2 -3.68 21.85 6.93
CA ASP B 2 -3.59 21.26 8.23
C ASP B 2 -3.01 19.84 8.12
N PHE B 3 -2.16 19.51 9.07
CA PHE B 3 -1.49 18.21 9.08
C PHE B 3 -1.59 17.65 10.49
N TYR B 4 -2.43 16.61 10.68
CA TYR B 4 -2.65 15.93 11.93
C TYR B 4 -1.64 14.81 12.07
N TYR B 5 -0.84 14.83 13.16
CA TYR B 5 0.40 14.00 13.20
C TYR B 5 0.89 13.84 14.61
N LEU B 6 1.89 12.98 14.75
CA LEU B 6 2.84 12.98 15.86
C LEU B 6 4.22 12.97 15.24
N PRO B 7 5.18 13.69 15.83
CA PRO B 7 6.52 13.76 15.26
C PRO B 7 7.26 12.43 15.21
N GLY B 8 6.98 11.51 16.11
CA GLY B 8 7.67 10.24 16.15
C GLY B 8 7.26 9.30 15.04
N SER B 9 6.08 9.53 14.48
CA SER B 9 5.40 8.57 13.58
C SER B 9 6.04 8.54 12.20
N ALA B 10 6.57 7.40 11.80
CA ALA B 10 7.21 7.27 10.52
C ALA B 10 6.33 7.69 9.33
N PRO B 11 5.07 7.29 9.23
CA PRO B 11 4.27 7.73 8.10
C PRO B 11 4.02 9.25 8.13
N CYS B 12 4.00 9.86 9.35
CA CYS B 12 3.95 11.30 9.42
C CYS B 12 5.22 11.94 8.90
N ARG B 13 6.34 11.38 9.31
CA ARG B 13 7.64 11.93 8.95
C ARG B 13 7.89 11.86 7.46
N SER B 14 7.41 10.83 6.77
CA SER B 14 7.59 10.75 5.31
C SER B 14 6.92 11.96 4.62
N VAL B 15 5.73 12.31 5.10
CA VAL B 15 5.02 13.47 4.57
C VAL B 15 5.76 14.77 4.87
N LEU B 16 6.26 14.92 6.12
CA LEU B 16 6.97 16.13 6.46
C LEU B 16 8.21 16.33 5.58
N MET B 17 8.95 15.27 5.28
CA MET B 17 10.13 15.41 4.42
C MET B 17 9.68 15.76 3.00
N THR B 18 8.56 15.22 2.52
CA THR B 18 8.08 15.57 1.21
C THR B 18 7.70 17.04 1.15
N ALA B 19 7.00 17.54 2.17
CA ALA B 19 6.64 18.96 2.23
C ALA B 19 7.91 19.79 2.19
N LYS B 20 8.93 19.42 2.97
CA LYS B 20 10.14 20.22 2.99
C LYS B 20 10.77 20.20 1.59
N ALA B 21 10.80 19.05 0.92
CA ALA B 21 11.36 18.93 -0.45
C ALA B 21 10.59 19.77 -1.47
N LEU B 22 9.34 20.10 -1.18
CA LEU B 22 8.47 20.94 -2.03
C LEU B 22 8.47 22.41 -1.60
N GLY B 23 9.15 22.74 -0.49
CA GLY B 23 9.10 24.10 0.07
C GLY B 23 7.75 24.49 0.62
N ILE B 24 7.02 23.54 1.19
CA ILE B 24 5.69 23.74 1.76
C ILE B 24 5.79 23.65 3.27
N GLU B 25 5.23 24.66 3.95
CA GLU B 25 5.16 24.67 5.40
C GLU B 25 3.76 24.22 5.83
N LEU B 26 3.63 22.99 6.33
CA LEU B 26 2.30 22.49 6.81
C LEU B 26 1.97 23.17 8.15
N ASN B 27 0.69 23.35 8.40
CA ASN B 27 0.21 23.76 9.70
C ASN B 27 0.03 22.49 10.55
N LYS B 28 1.06 22.20 11.32
CA LYS B 28 1.17 20.93 12.05
C LYS B 28 0.28 20.96 13.28
N LYS B 29 -0.54 19.94 13.46
CA LYS B 29 -1.50 19.81 14.54
C LYS B 29 -1.31 18.46 15.24
N LEU B 30 -0.76 18.50 16.45
CA LEU B 30 -0.60 17.29 17.23
C LEU B 30 -1.98 16.71 17.53
N LEU B 31 -2.07 15.38 17.47
CA LEU B 31 -3.25 14.70 17.85
C LEU B 31 -2.96 13.74 19.01
N ASN B 32 -3.74 13.80 20.10
CA ASN B 32 -3.52 13.01 21.28
C ASN B 32 -4.24 11.66 21.14
N LEU B 33 -3.55 10.75 20.46
CA LEU B 33 -4.11 9.40 20.20
C LEU B 33 -4.34 8.61 21.50
N GLN B 34 -3.39 8.74 22.45
CA GLN B 34 -3.54 8.04 23.79
C GLN B 34 -4.84 8.48 24.50
N ALA B 35 -5.31 9.70 24.26
CA ALA B 35 -6.53 10.16 24.88
C ALA B 35 -7.76 9.91 24.01
N GLY B 36 -7.52 9.35 22.80
CA GLY B 36 -8.66 9.10 21.88
C GLY B 36 -9.16 10.35 21.14
N GLU B 37 -8.28 11.34 20.95
CA GLU B 37 -8.65 12.57 20.27
C GLU B 37 -9.07 12.28 18.82
N HIS B 38 -8.40 11.28 18.21
CA HIS B 38 -8.68 10.85 16.80
C HIS B 38 -10.00 10.10 16.70
N LEU B 39 -10.60 9.68 17.82
CA LEU B 39 -11.82 8.93 17.84
C LEU B 39 -13.03 9.79 18.14
N LYS B 40 -12.83 11.09 18.33
CA LYS B 40 -13.89 12.00 18.63
C LYS B 40 -14.72 12.31 17.39
N PRO B 41 -16.00 12.71 17.50
CA PRO B 41 -16.81 13.02 16.34
C PRO B 41 -16.13 14.02 15.38
N GLU B 42 -15.48 15.05 15.90
CA GLU B 42 -14.89 16.08 15.05
C GLU B 42 -13.85 15.45 14.10
N PHE B 43 -12.97 14.63 14.64
CA PHE B 43 -11.93 14.03 13.79
C PHE B 43 -12.55 13.00 12.86
N LEU B 44 -13.53 12.22 13.32
CA LEU B 44 -14.11 11.26 12.41
C LEU B 44 -14.74 11.91 11.18
N LYS B 45 -15.21 13.15 11.27
CA LYS B 45 -15.85 13.86 10.16
C LYS B 45 -14.77 14.15 9.09
N ILE B 46 -13.54 14.38 9.56
CA ILE B 46 -12.40 14.67 8.68
C ILE B 46 -11.88 13.35 8.09
N ASN B 47 -11.65 12.36 8.95
CA ASN B 47 -11.07 11.08 8.54
C ASN B 47 -11.80 9.97 9.28
N PRO B 48 -12.81 9.34 8.65
CA PRO B 48 -13.56 8.32 9.38
C PRO B 48 -12.72 7.10 9.75
N GLN B 49 -11.55 6.92 9.11
CA GLN B 49 -10.67 5.84 9.48
C GLN B 49 -9.76 6.18 10.69
N HIS B 50 -9.84 7.43 11.14
CA HIS B 50 -9.18 7.85 12.36
C HIS B 50 -7.71 7.43 12.46
N THR B 51 -6.92 7.84 11.43
CA THR B 51 -5.51 7.62 11.43
C THR B 51 -4.72 8.91 11.19
N ILE B 52 -3.51 8.89 11.70
CA ILE B 52 -2.50 9.89 11.30
C ILE B 52 -1.49 9.20 10.38
N PRO B 53 -0.88 9.94 9.46
CA PRO B 53 -1.14 11.33 9.17
C PRO B 53 -2.47 11.53 8.46
N THR B 54 -3.07 12.75 8.64
CA THR B 54 -4.19 13.25 7.88
C THR B 54 -3.85 14.68 7.44
N LEU B 55 -4.06 14.95 6.16
CA LEU B 55 -3.91 16.30 5.57
C LEU B 55 -5.31 16.87 5.32
N VAL B 56 -5.44 18.18 5.59
CA VAL B 56 -6.63 18.89 5.18
C VAL B 56 -6.18 20.11 4.35
N ASP B 57 -6.48 20.05 3.07
CA ASP B 57 -6.10 21.09 2.13
C ASP B 57 -7.38 21.80 1.74
N GLY B 58 -7.61 22.96 2.39
CA GLY B 58 -8.86 23.65 2.19
C GLY B 58 -9.95 22.82 2.80
N ASP B 59 -10.88 22.30 1.99
CA ASP B 59 -11.95 21.44 2.42
C ASP B 59 -11.67 19.96 2.12
N PHE B 60 -10.51 19.68 1.50
CA PHE B 60 -10.20 18.34 1.03
C PHE B 60 -9.39 17.59 2.10
N ALA B 61 -9.97 16.51 2.62
CA ALA B 61 -9.31 15.65 3.59
C ALA B 61 -8.71 14.41 2.92
N LEU B 62 -7.50 14.07 3.33
CA LEU B 62 -6.81 12.95 2.76
C LEU B 62 -5.99 12.28 3.83
N TRP B 63 -5.94 10.94 3.81
CA TRP B 63 -5.07 10.17 4.68
C TRP B 63 -4.42 9.08 3.84
N GLU B 64 -3.62 8.21 4.50
CA GLU B 64 -2.63 7.29 3.94
C GLU B 64 -1.42 8.11 3.55
N SER B 65 -0.35 7.97 4.33
CA SER B 65 0.84 8.78 4.17
C SER B 65 1.31 8.84 2.71
N ARG B 66 1.29 7.68 2.01
CA ARG B 66 1.93 7.59 0.70
C ARG B 66 1.03 8.25 -0.35
N ALA B 67 -0.29 8.21 -0.14
CA ALA B 67 -1.24 9.00 -0.92
C ALA B 67 -1.03 10.49 -0.68
N ILE B 68 -0.77 10.91 0.54
CA ILE B 68 -0.57 12.31 0.81
C ILE B 68 0.70 12.79 0.11
N MET B 69 1.78 12.01 0.24
CA MET B 69 3.07 12.43 -0.36
C MET B 69 2.90 12.67 -1.85
N VAL B 70 2.28 11.72 -2.55
CA VAL B 70 2.10 11.80 -3.98
C VAL B 70 1.15 12.95 -4.33
N TYR B 71 0.08 13.17 -3.54
CA TYR B 71 -0.82 14.31 -3.77
C TYR B 71 -0.03 15.63 -3.71
N LEU B 72 0.83 15.80 -2.69
CA LEU B 72 1.56 17.03 -2.55
C LEU B 72 2.44 17.27 -3.77
N VAL B 73 3.12 16.21 -4.22
CA VAL B 73 3.97 16.39 -5.41
C VAL B 73 3.13 16.68 -6.65
N GLU B 74 2.10 15.90 -6.89
CA GLU B 74 1.28 16.05 -8.12
C GLU B 74 0.60 17.41 -8.16
N LYS B 75 0.10 17.91 -7.03
CA LYS B 75 -0.68 19.13 -7.00
C LYS B 75 0.26 20.34 -6.95
N TYR B 76 1.34 20.26 -6.15
CA TYR B 76 2.11 21.45 -5.79
C TYR B 76 3.55 21.41 -6.34
N GLY B 77 4.04 20.30 -6.87
CA GLY B 77 5.38 20.23 -7.35
C GLY B 77 5.59 21.13 -8.55
N LYS B 78 6.70 21.87 -8.56
CA LYS B 78 6.96 22.78 -9.71
C LYS B 78 7.46 21.97 -10.90
N THR B 79 8.09 20.81 -10.64
CA THR B 79 8.32 19.80 -11.62
C THR B 79 7.96 18.46 -10.97
N ASP B 80 8.11 17.43 -11.78
CA ASP B 80 7.73 16.06 -11.38
C ASP B 80 8.96 15.28 -10.84
N SER B 81 10.06 15.93 -10.47
CA SER B 81 11.24 15.18 -10.10
C SER B 81 10.98 14.14 -9.00
N LEU B 82 10.20 14.52 -7.99
CA LEU B 82 9.97 13.60 -6.87
C LEU B 82 8.99 12.49 -7.21
N PHE B 83 8.24 12.64 -8.31
CA PHE B 83 7.27 11.64 -8.72
C PHE B 83 7.10 11.74 -10.25
N PRO B 84 8.08 11.23 -11.01
CA PRO B 84 8.14 11.48 -12.46
C PRO B 84 6.87 10.98 -13.18
N LYS B 85 6.48 11.69 -14.24
CA LYS B 85 5.29 11.32 -15.00
C LYS B 85 5.50 10.06 -15.86
N CYS B 86 6.71 9.79 -16.31
CA CYS B 86 6.98 8.60 -17.14
C CYS B 86 6.33 7.38 -16.48
N PRO B 87 5.37 6.68 -17.12
CA PRO B 87 4.68 5.58 -16.44
C PRO B 87 5.62 4.53 -15.84
N LYS B 88 6.70 4.12 -16.51
CA LYS B 88 7.58 3.08 -15.96
C LYS B 88 8.33 3.58 -14.71
N LYS B 89 8.80 4.82 -14.74
CA LYS B 89 9.51 5.37 -13.58
C LYS B 89 8.56 5.51 -12.38
N ARG B 90 7.35 6.01 -12.65
CA ARG B 90 6.37 6.14 -11.63
C ARG B 90 5.96 4.75 -11.06
N ALA B 91 5.86 3.73 -11.93
CA ALA B 91 5.45 2.41 -11.49
C ALA B 91 6.48 1.80 -10.52
N VAL B 92 7.76 1.93 -10.78
CA VAL B 92 8.77 1.44 -9.85
C VAL B 92 8.62 2.15 -8.51
N ILE B 93 8.39 3.45 -8.54
CA ILE B 93 8.16 4.22 -7.31
C ILE B 93 6.95 3.64 -6.57
N ASN B 94 5.83 3.46 -7.31
CA ASN B 94 4.67 2.98 -6.67
C ASN B 94 4.90 1.59 -6.07
N GLN B 95 5.58 0.70 -6.77
CA GLN B 95 5.87 -0.65 -6.19
C GLN B 95 6.70 -0.49 -4.88
N ARG B 96 7.68 0.41 -4.91
CA ARG B 96 8.45 0.69 -3.67
C ARG B 96 7.58 1.25 -2.55
N LEU B 97 6.60 2.10 -2.88
CA LEU B 97 5.67 2.61 -1.83
C LEU B 97 4.90 1.45 -1.22
N TYR B 98 4.31 0.60 -2.06
CA TYR B 98 3.59 -0.53 -1.51
C TYR B 98 4.52 -1.45 -0.72
N PHE B 99 5.75 -1.65 -1.19
CA PHE B 99 6.77 -2.38 -0.41
C PHE B 99 6.96 -1.77 0.99
N ASP B 100 7.16 -0.43 0.98
CA ASP B 100 7.40 0.24 2.24
C ASP B 100 6.25 -0.05 3.20
N MET B 101 5.00 0.02 2.71
CA MET B 101 3.88 -0.17 3.63
C MET B 101 3.76 -1.64 4.00
N GLY B 102 3.71 -2.52 3.02
CA GLY B 102 3.25 -3.88 3.25
C GLY B 102 4.34 -4.89 3.53
N THR B 103 5.59 -4.52 3.38
CA THR B 103 6.68 -5.42 3.60
C THR B 103 7.63 -4.81 4.66
N LEU B 104 8.18 -3.64 4.37
CA LEU B 104 9.24 -3.09 5.26
C LEU B 104 8.67 -2.56 6.57
N TYR B 105 7.83 -1.51 6.51
CA TYR B 105 7.29 -0.99 7.79
C TYR B 105 6.36 -2.00 8.46
N LYS B 106 5.63 -2.83 7.65
CA LYS B 106 4.85 -3.93 8.29
C LYS B 106 5.74 -4.78 9.19
N SER B 107 6.93 -5.09 8.74
CA SER B 107 7.82 -5.94 9.56
C SER B 107 8.24 -5.23 10.87
N PHE B 108 8.40 -3.91 10.79
CA PHE B 108 8.71 -3.07 11.97
C PHE B 108 7.59 -3.19 13.00
N ALA B 109 6.38 -2.89 12.54
CA ALA B 109 5.22 -2.83 13.45
C ALA B 109 5.01 -4.21 14.05
N ASP B 110 5.06 -5.25 13.23
CA ASP B 110 4.76 -6.58 13.70
C ASP B 110 5.75 -7.01 14.78
N TYR B 111 7.04 -6.68 14.64
CA TYR B 111 8.05 -7.16 15.57
C TYR B 111 8.17 -6.27 16.80
N TYR B 112 8.23 -4.96 16.59
CA TYR B 112 8.56 -4.06 17.71
C TYR B 112 7.31 -3.60 18.46
N TYR B 113 6.18 -3.37 17.79
CA TYR B 113 5.02 -2.76 18.50
C TYR B 113 4.59 -3.62 19.68
N PRO B 114 4.54 -4.97 19.60
CA PRO B 114 4.09 -5.73 20.78
C PRO B 114 5.02 -5.55 21.98
N GLN B 115 6.31 -5.25 21.75
CA GLN B 115 7.27 -5.04 22.81
C GLN B 115 7.10 -3.65 23.41
N ILE B 116 7.06 -2.62 22.59
CA ILE B 116 7.08 -1.26 23.06
C ILE B 116 5.71 -0.75 23.46
N PHE B 117 4.63 -1.32 22.93
CA PHE B 117 3.29 -0.82 23.25
C PHE B 117 2.46 -1.84 24.05
N ALA B 118 2.78 -3.13 24.02
CA ALA B 118 1.95 -4.18 24.69
C ALA B 118 2.74 -5.02 25.72
N LYS B 119 4.01 -4.69 25.98
CA LYS B 119 4.83 -5.47 26.96
C LYS B 119 4.85 -6.98 26.66
N ALA B 120 4.80 -7.38 25.38
CA ALA B 120 4.87 -8.79 25.00
C ALA B 120 6.33 -9.15 24.71
N PRO B 121 6.70 -10.41 24.96
CA PRO B 121 8.04 -10.86 24.56
C PRO B 121 8.24 -10.76 23.04
N ALA B 122 9.47 -10.44 22.66
CA ALA B 122 9.83 -10.47 21.23
C ALA B 122 9.64 -11.87 20.66
N ASP B 123 9.29 -11.90 19.38
CA ASP B 123 9.07 -13.15 18.64
C ASP B 123 10.18 -13.28 17.61
N PRO B 124 11.23 -14.12 17.83
CA PRO B 124 12.31 -14.23 16.86
C PRO B 124 11.87 -14.57 15.44
N GLU B 125 10.73 -15.23 15.26
CA GLU B 125 10.27 -15.56 13.92
C GLU B 125 9.82 -14.28 13.20
N LEU B 126 9.27 -13.32 13.94
CA LEU B 126 8.89 -12.04 13.34
C LEU B 126 10.13 -11.22 13.03
N PHE B 127 11.24 -11.37 13.78
CA PHE B 127 12.46 -10.67 13.43
C PHE B 127 12.97 -11.10 12.04
N LYS B 128 12.79 -12.38 11.70
CA LYS B 128 13.27 -12.89 10.42
C LYS B 128 12.55 -12.17 9.27
N LYS B 129 11.31 -11.68 9.48
CA LYS B 129 10.60 -10.97 8.44
C LYS B 129 11.21 -9.60 8.19
N ILE B 130 11.81 -8.97 9.24
CA ILE B 130 12.53 -7.73 9.06
C ILE B 130 13.77 -7.96 8.18
N GLU B 131 14.48 -9.06 8.49
CA GLU B 131 15.70 -9.40 7.75
C GLU B 131 15.38 -9.67 6.27
N THR B 132 14.28 -10.34 6.00
CA THR B 132 13.87 -10.59 4.64
C THR B 132 13.55 -9.27 3.92
N ALA B 133 12.85 -8.36 4.61
CA ALA B 133 12.52 -7.04 4.03
C ALA B 133 13.79 -6.26 3.69
N PHE B 134 14.75 -6.19 4.64
CA PHE B 134 16.00 -5.52 4.35
C PHE B 134 16.79 -6.19 3.23
N ASP B 135 16.70 -7.49 3.14
CA ASP B 135 17.38 -8.19 2.02
C ASP B 135 16.80 -7.73 0.69
N PHE B 136 15.45 -7.66 0.60
CA PHE B 136 14.83 -7.15 -0.61
C PHE B 136 15.26 -5.73 -0.92
N LEU B 137 15.25 -4.85 0.10
CA LEU B 137 15.63 -3.48 -0.16
C LEU B 137 17.08 -3.43 -0.68
N ASN B 138 17.95 -4.22 -0.03
CA ASN B 138 19.36 -4.26 -0.44
C ASN B 138 19.48 -4.61 -1.92
N THR B 139 18.66 -5.56 -2.34
CA THR B 139 18.61 -5.96 -3.75
C THR B 139 18.08 -4.86 -4.65
N PHE B 140 17.02 -4.19 -4.24
CA PHE B 140 16.39 -3.12 -5.03
C PHE B 140 17.42 -2.01 -5.31
N LEU B 141 18.33 -1.78 -4.37
CA LEU B 141 19.31 -0.69 -4.45
C LEU B 141 20.49 -1.03 -5.37
N LYS B 142 20.62 -2.30 -5.77
CA LYS B 142 21.78 -2.66 -6.65
C LYS B 142 21.77 -1.87 -7.96
N GLY B 143 22.89 -1.20 -8.24
CA GLY B 143 23.10 -0.45 -9.48
C GLY B 143 22.50 0.96 -9.56
N HIS B 144 21.93 1.46 -8.45
CA HIS B 144 21.42 2.81 -8.43
C HIS B 144 21.65 3.42 -7.04
N GLU B 145 21.64 4.74 -7.01
CA GLU B 145 21.92 5.46 -5.84
C GLU B 145 20.65 5.56 -4.97
N TYR B 146 19.50 5.58 -5.63
CA TYR B 146 18.19 5.84 -5.01
C TYR B 146 17.32 4.60 -5.14
N ALA B 147 16.21 4.62 -4.42
CA ALA B 147 15.47 3.39 -4.24
C ALA B 147 14.75 2.94 -5.53
N ALA B 148 14.37 3.87 -6.37
CA ALA B 148 13.54 3.55 -7.53
C ALA B 148 14.18 4.16 -8.79
N GLY B 149 15.49 4.44 -8.76
CA GLY B 149 16.16 4.98 -9.90
C GLY B 149 17.32 5.86 -9.49
N ASP B 150 17.56 6.91 -10.30
CA ASP B 150 18.79 7.65 -10.20
C ASP B 150 18.62 9.03 -9.60
N SER B 151 17.43 9.33 -9.06
CA SER B 151 17.14 10.63 -8.45
C SER B 151 16.30 10.41 -7.20
N LEU B 152 16.34 11.42 -6.34
CA LEU B 152 15.55 11.34 -5.11
C LEU B 152 14.07 11.40 -5.46
N THR B 153 13.27 10.48 -4.90
CA THR B 153 11.82 10.45 -5.14
C THR B 153 11.08 10.23 -3.82
N VAL B 154 9.74 10.27 -3.88
CA VAL B 154 8.96 9.94 -2.73
C VAL B 154 9.23 8.51 -2.25
N ALA B 155 9.63 7.61 -3.16
CA ALA B 155 9.97 6.25 -2.67
C ALA B 155 11.11 6.35 -1.66
N ASP B 156 12.14 7.16 -1.98
CA ASP B 156 13.23 7.33 -1.02
C ASP B 156 12.72 7.90 0.31
N LEU B 157 11.85 8.92 0.24
CA LEU B 157 11.44 9.59 1.44
C LEU B 157 10.58 8.69 2.34
N ALA B 158 9.71 7.85 1.74
CA ALA B 158 8.95 6.89 2.53
C ALA B 158 9.90 5.88 3.17
N LEU B 159 10.74 5.25 2.34
CA LEU B 159 11.67 4.28 2.88
C LEU B 159 12.61 4.87 3.94
N LEU B 160 12.99 6.13 3.74
CA LEU B 160 13.89 6.76 4.68
C LEU B 160 13.21 6.90 6.05
N ALA B 161 11.97 7.37 6.05
CA ALA B 161 11.21 7.44 7.28
C ALA B 161 11.20 6.08 7.99
N SER B 162 10.99 5.00 7.25
CA SER B 162 10.95 3.67 7.84
C SER B 162 12.34 3.26 8.36
N VAL B 163 13.37 3.38 7.49
CA VAL B 163 14.70 2.88 7.87
C VAL B 163 15.28 3.66 9.05
N SER B 164 15.04 4.98 9.10
CA SER B 164 15.49 5.77 10.24
C SER B 164 14.79 5.32 11.54
N THR B 165 13.56 4.82 11.46
CA THR B 165 12.92 4.26 12.63
C THR B 165 13.60 2.94 13.06
N PHE B 166 13.96 2.11 12.07
CA PHE B 166 14.79 0.92 12.40
C PHE B 166 16.13 1.32 13.03
N GLU B 167 16.74 2.41 12.59
CA GLU B 167 18.01 2.81 13.26
C GLU B 167 17.80 3.03 14.75
N VAL B 168 16.79 3.83 15.14
CA VAL B 168 16.60 4.09 16.57
C VAL B 168 16.08 2.87 17.33
N ALA B 169 15.52 1.88 16.62
CA ALA B 169 15.19 0.60 17.25
C ALA B 169 16.38 -0.30 17.48
N SER B 170 17.58 0.11 17.04
CA SER B 170 18.83 -0.64 17.27
C SER B 170 18.98 -1.76 16.24
N PHE B 171 18.25 -1.72 15.13
CA PHE B 171 18.47 -2.68 14.08
C PHE B 171 19.82 -2.41 13.41
N ASP B 172 20.52 -3.50 13.06
CA ASP B 172 21.85 -3.38 12.52
C ASP B 172 21.80 -3.23 10.99
N ILE B 173 21.66 -1.98 10.52
CA ILE B 173 21.54 -1.69 9.11
C ILE B 173 22.83 -2.02 8.36
N SER B 174 23.96 -2.01 9.09
CA SER B 174 25.28 -2.31 8.48
C SER B 174 25.33 -3.69 7.86
N LYS B 175 24.45 -4.60 8.26
CA LYS B 175 24.42 -5.93 7.65
C LYS B 175 23.92 -5.89 6.20
N TYR B 176 23.44 -4.73 5.72
CA TYR B 176 22.87 -4.59 4.40
C TYR B 176 23.61 -3.47 3.70
N PRO B 177 24.81 -3.72 3.12
CA PRO B 177 25.66 -2.63 2.66
C PRO B 177 25.05 -1.63 1.67
N ASN B 178 24.21 -2.12 0.73
CA ASN B 178 23.58 -1.19 -0.21
C ASN B 178 22.58 -0.27 0.53
N VAL B 179 21.88 -0.85 1.51
CA VAL B 179 20.98 -0.03 2.33
C VAL B 179 21.79 0.99 3.14
N ALA B 180 22.89 0.53 3.76
CA ALA B 180 23.70 1.44 4.56
C ALA B 180 24.21 2.63 3.73
N LYS B 181 24.69 2.36 2.51
CA LYS B 181 25.21 3.39 1.65
C LYS B 181 24.11 4.38 1.29
N TRP B 182 22.96 3.85 0.83
CA TRP B 182 21.80 4.67 0.44
C TRP B 182 21.31 5.55 1.59
N TYR B 183 21.26 4.96 2.79
CA TYR B 183 20.79 5.64 4.00
C TYR B 183 21.73 6.80 4.34
N ALA B 184 23.03 6.49 4.41
CA ALA B 184 24.02 7.53 4.73
C ALA B 184 23.94 8.67 3.71
N ASN B 185 23.76 8.33 2.40
CA ASN B 185 23.66 9.40 1.40
C ASN B 185 22.42 10.25 1.67
N LEU B 186 21.25 9.60 1.95
CA LEU B 186 20.06 10.36 2.15
C LEU B 186 20.11 11.28 3.36
N LYS B 187 20.87 10.92 4.40
CA LYS B 187 20.97 11.84 5.53
C LYS B 187 21.60 13.17 5.06
N THR B 188 22.43 13.14 4.02
CA THR B 188 23.10 14.35 3.51
C THR B 188 22.29 15.05 2.43
N VAL B 189 21.40 14.37 1.71
CA VAL B 189 20.68 14.99 0.54
C VAL B 189 19.19 15.18 0.77
N ALA B 190 18.54 14.39 1.64
CA ALA B 190 17.09 14.47 1.70
C ALA B 190 16.67 15.73 2.41
N PRO B 191 15.85 16.59 1.79
CA PRO B 191 15.30 17.74 2.51
C PRO B 191 14.49 17.29 3.72
N GLY B 192 14.65 18.02 4.82
CA GLY B 192 13.90 17.73 6.01
C GLY B 192 14.48 16.62 6.86
N TRP B 193 15.72 16.17 6.56
CA TRP B 193 16.33 15.11 7.34
C TRP B 193 16.37 15.48 8.82
N GLU B 194 16.77 16.71 9.16
CA GLU B 194 16.95 17.04 10.60
C GLU B 194 15.64 16.90 11.40
N GLU B 195 14.52 17.33 10.81
CA GLU B 195 13.23 17.20 11.44
C GLU B 195 12.86 15.72 11.55
N ASN B 196 13.17 14.96 10.49
CA ASN B 196 12.87 13.53 10.56
C ASN B 196 13.67 12.87 11.68
N TRP B 197 14.93 13.20 11.79
CA TRP B 197 15.78 12.61 12.84
C TRP B 197 15.36 13.02 14.25
N ALA B 198 14.96 14.28 14.41
CA ALA B 198 14.43 14.70 15.71
C ALA B 198 13.22 13.87 16.07
N GLY B 199 12.33 13.59 15.10
CA GLY B 199 11.19 12.81 15.35
C GLY B 199 11.55 11.34 15.66
N CYS B 200 12.58 10.79 15.01
CA CYS B 200 13.06 9.43 15.35
C CYS B 200 13.53 9.38 16.80
N LEU B 201 14.17 10.45 17.28
CA LEU B 201 14.61 10.47 18.68
C LEU B 201 13.43 10.54 19.63
N GLU B 202 12.33 11.18 19.21
CA GLU B 202 11.10 11.09 20.00
C GLU B 202 10.57 9.66 20.04
N PHE B 203 10.50 8.99 18.87
CA PHE B 203 9.99 7.64 18.83
C PHE B 203 10.86 6.71 19.68
N LYS B 204 12.17 6.94 19.69
CA LYS B 204 13.12 6.14 20.42
C LYS B 204 12.76 6.07 21.91
N LYS B 205 12.04 7.09 22.43
CA LYS B 205 11.65 7.09 23.84
C LYS B 205 10.77 5.89 24.17
N TYR B 206 10.05 5.32 23.19
CA TYR B 206 9.21 4.16 23.46
C TYR B 206 10.02 2.89 23.69
N PHE B 207 11.29 2.86 23.28
CA PHE B 207 12.15 1.70 23.49
C PHE B 207 12.81 1.74 24.85
#